data_5CFN
#
_entry.id   5CFN
#
_cell.length_a   81.662
_cell.length_b   81.662
_cell.length_c   98.760
_cell.angle_alpha   90.00
_cell.angle_beta   90.00
_cell.angle_gamma   120.00
#
_symmetry.space_group_name_H-M   'P 31'
#
loop_
_entity.id
_entity.type
_entity.pdbx_description
1 polymer 'Stimulator of Interferon Genes'
2 non-polymer "(2R,3R,3aS,5R,7aR,9R,10R,10aS,12R,14aR)-2,9-bis(6-amino-9H-purin-9-yl)octahydro-2H,7H-difuro[3,2-d:3',2'-j][1,3,7,9,2,8 ]tetraoxadiphosphacyclododecine-3,5,10,12-tetrol 5,12-dioxide"
#
_entity_poly.entity_id   1
_entity_poly.type   'polypeptide(L)'
_entity_poly.pdbx_seq_one_letter_code
;GSNVADGLAWSYYFGYLKFVLPELEKQIEKTSKFRSKEKFVKKMFILIPSNCFWDDKIPGSDYDPQNRITFEGNTEPLEK
TRGGVFLRHYKHSVYEIKDGENEPWFCIMEYATPLLTLYDMSVAQPGELSREERDAQVVVFLRKLQDILEGDRACQGKYE
LVTFSPDRDLADVMLRKLKDSELEIGG
;
_entity_poly.pdbx_strand_id   A,B
#
loop_
_chem_comp.id
_chem_comp.type
_chem_comp.name
_chem_comp.formula
2BA non-polymer '(2R,3R,3aS,5R,7aR,9R,10R,10aS,12R,14aR)-2,9-bis(6-amino-9H-purin-9-yl)octahydro-2H,7H-difuro[3,2-d:3',2'-j][1,3,7,9,2,8 ]tetraoxadiphosphacyclododecine-3,5,10,12-tetrol 5,12-dioxide' 'C20 H24 N10 O12 P2'
#
# COMPACT_ATOMS: atom_id res chain seq x y z
N SER A 2 -17.77 10.71 2.05
CA SER A 2 -17.03 11.62 1.19
C SER A 2 -15.70 11.99 1.85
N ASN A 3 -15.33 11.18 2.83
CA ASN A 3 -14.09 11.35 3.58
C ASN A 3 -12.98 10.49 2.99
N VAL A 4 -11.95 11.13 2.44
CA VAL A 4 -10.83 10.41 1.85
C VAL A 4 -10.15 9.55 2.92
N ALA A 5 -10.22 10.00 4.17
CA ALA A 5 -9.62 9.29 5.29
C ALA A 5 -10.31 7.96 5.55
N ASP A 6 -11.61 7.90 5.26
CA ASP A 6 -12.39 6.69 5.47
C ASP A 6 -11.86 5.51 4.66
N GLY A 7 -11.63 5.74 3.37
CA GLY A 7 -11.10 4.71 2.51
C GLY A 7 -9.63 4.42 2.78
N LEU A 8 -8.96 5.37 3.42
CA LEU A 8 -7.54 5.23 3.73
C LEU A 8 -7.34 4.28 4.90
N ALA A 9 -8.33 4.20 5.78
CA ALA A 9 -8.25 3.35 6.96
C ALA A 9 -8.55 1.89 6.60
N TRP A 10 -9.54 1.68 5.76
CA TRP A 10 -9.93 0.34 5.34
C TRP A 10 -8.79 -0.38 4.61
N SER A 11 -8.10 0.34 3.72
CA SER A 11 -6.98 -0.21 2.99
C SER A 11 -5.85 -0.61 3.93
N TYR A 12 -5.56 0.25 4.89
CA TYR A 12 -4.53 0.00 5.89
C TYR A 12 -4.77 -1.33 6.61
N TYR A 13 -6.02 -1.61 6.93
CA TYR A 13 -6.38 -2.82 7.65
C TYR A 13 -6.29 -4.07 6.78
N PHE A 14 -7.09 -4.12 5.73
CA PHE A 14 -7.16 -5.30 4.87
C PHE A 14 -5.90 -5.53 4.06
N GLY A 15 -5.19 -4.45 3.73
CA GLY A 15 -3.99 -4.56 2.92
C GLY A 15 -2.71 -4.71 3.72
N TYR A 16 -2.83 -4.70 5.05
CA TYR A 16 -1.65 -4.77 5.90
C TYR A 16 -1.93 -5.32 7.30
N LEU A 17 -2.45 -4.46 8.18
CA LEU A 17 -2.60 -4.79 9.59
C LEU A 17 -3.34 -6.09 9.90
N LYS A 18 -4.32 -6.44 9.06
CA LYS A 18 -5.06 -7.69 9.26
C LYS A 18 -4.14 -8.90 9.25
N PHE A 19 -3.14 -8.87 8.35
CA PHE A 19 -2.15 -9.94 8.26
C PHE A 19 -1.12 -9.90 9.38
N VAL A 20 -0.57 -8.71 9.65
CA VAL A 20 0.60 -8.58 10.50
C VAL A 20 0.33 -8.46 12.01
N LEU A 21 -0.86 -8.02 12.38
CA LEU A 21 -1.17 -7.78 13.80
C LEU A 21 -1.44 -9.04 14.65
N PRO A 22 -2.17 -10.04 14.11
CA PRO A 22 -2.43 -11.16 15.02
C PRO A 22 -1.29 -12.17 15.07
N GLU A 23 -0.24 -11.92 14.29
CA GLU A 23 0.90 -12.82 14.25
C GLU A 23 2.18 -12.15 14.72
N LEU A 24 2.09 -10.87 15.07
CA LEU A 24 3.25 -10.07 15.46
C LEU A 24 4.01 -10.65 16.65
N GLU A 25 3.28 -10.92 17.73
CA GLU A 25 3.89 -11.46 18.94
C GLU A 25 4.59 -12.79 18.67
N LYS A 26 3.90 -13.68 17.97
CA LYS A 26 4.45 -14.98 17.60
C LYS A 26 5.69 -14.80 16.70
N GLN A 27 5.71 -13.73 15.93
CA GLN A 27 6.83 -13.44 15.03
C GLN A 27 8.04 -12.90 15.79
N ILE A 28 7.78 -12.12 16.83
CA ILE A 28 8.85 -11.55 17.64
C ILE A 28 9.63 -12.64 18.36
N GLU A 29 8.90 -13.62 18.91
CA GLU A 29 9.52 -14.70 19.67
C GLU A 29 10.35 -15.64 18.79
N LYS A 30 10.31 -15.44 17.49
CA LYS A 30 11.12 -16.26 16.59
C LYS A 30 12.61 -16.00 16.81
N THR A 31 12.93 -14.86 17.39
CA THR A 31 14.32 -14.51 17.69
C THR A 31 14.61 -14.65 19.17
N SER A 32 15.65 -15.44 19.49
CA SER A 32 16.07 -15.68 20.86
C SER A 32 16.31 -14.39 21.63
N LYS A 33 17.01 -13.46 20.98
CA LYS A 33 17.34 -12.17 21.57
C LYS A 33 16.09 -11.43 22.08
N PHE A 34 14.99 -11.59 21.35
CA PHE A 34 13.74 -10.94 21.71
C PHE A 34 12.98 -11.72 22.78
N ARG A 35 13.16 -13.04 22.81
CA ARG A 35 12.51 -13.86 23.82
C ARG A 35 13.10 -13.59 25.20
N SER A 36 14.39 -13.30 25.23
CA SER A 36 15.11 -13.06 26.47
C SER A 36 14.87 -11.63 26.97
N LYS A 37 14.86 -10.69 26.03
CA LYS A 37 14.72 -9.27 26.35
C LYS A 37 13.49 -8.98 27.23
N GLU A 38 13.70 -8.21 28.29
CA GLU A 38 12.61 -7.78 29.15
C GLU A 38 12.26 -6.33 28.85
N LYS A 39 11.18 -5.84 29.44
CA LYS A 39 10.69 -4.48 29.16
C LYS A 39 10.38 -4.35 27.66
N PHE A 40 9.85 -5.41 27.07
CA PHE A 40 9.55 -5.46 25.65
C PHE A 40 8.04 -5.60 25.45
N VAL A 41 7.42 -4.56 24.92
CA VAL A 41 6.00 -4.60 24.61
C VAL A 41 5.79 -5.21 23.22
N LYS A 42 4.97 -6.24 23.16
CA LYS A 42 4.77 -6.99 21.91
C LYS A 42 3.68 -6.37 21.05
N LYS A 43 3.29 -5.14 21.36
CA LYS A 43 2.26 -4.44 20.60
C LYS A 43 2.89 -3.51 19.57
N MET A 44 2.24 -3.38 18.42
CA MET A 44 2.70 -2.46 17.39
C MET A 44 2.26 -1.05 17.72
N PHE A 45 3.23 -0.15 17.87
CA PHE A 45 2.91 1.25 18.15
C PHE A 45 2.87 2.04 16.86
N ILE A 46 1.66 2.41 16.44
CA ILE A 46 1.47 3.14 15.20
C ILE A 46 1.55 4.65 15.44
N LEU A 47 2.62 5.26 14.94
CA LEU A 47 2.83 6.69 15.12
C LEU A 47 1.94 7.50 14.18
N ILE A 48 1.19 8.44 14.75
CA ILE A 48 0.28 9.27 13.98
C ILE A 48 0.55 10.74 14.25
N PRO A 49 1.57 11.31 13.58
CA PRO A 49 1.86 12.74 13.69
C PRO A 49 0.72 13.60 13.15
N SER A 50 0.42 14.68 13.85
CA SER A 50 -0.71 15.54 13.49
C SER A 50 -0.52 16.21 12.12
N ASN A 51 0.72 16.41 11.72
CA ASN A 51 1.01 17.05 10.44
C ASN A 51 1.21 16.06 9.29
N CYS A 52 0.94 14.79 9.57
CA CYS A 52 1.07 13.71 8.59
C CYS A 52 2.41 13.69 7.87
N PHE A 53 3.49 14.01 8.57
CA PHE A 53 4.78 14.13 7.90
C PHE A 53 5.95 13.51 8.66
N TRP A 54 6.88 12.94 7.89
CA TRP A 54 8.14 12.42 8.41
C TRP A 54 9.09 12.23 7.23
N ASP A 55 10.36 12.61 7.39
CA ASP A 55 11.28 12.64 6.26
C ASP A 55 12.57 11.84 6.51
N ASP A 56 12.70 11.27 7.69
CA ASP A 56 13.93 10.54 8.01
C ASP A 56 13.76 9.52 9.13
N LYS A 57 14.81 8.75 9.34
CA LYS A 57 14.85 7.72 10.37
C LYS A 57 14.55 8.30 11.75
N ILE A 58 13.92 7.49 12.60
CA ILE A 58 13.52 7.93 13.93
C ILE A 58 14.69 8.18 14.90
N PRO A 59 15.75 7.36 14.86
CA PRO A 59 16.89 7.70 15.71
C PRO A 59 17.54 9.03 15.36
N GLY A 60 17.77 9.87 16.37
CA GLY A 60 18.35 11.19 16.16
C GLY A 60 17.52 12.10 15.27
N SER A 61 16.22 11.80 15.16
CA SER A 61 15.30 12.60 14.37
C SER A 61 14.93 13.89 15.11
N ASP A 62 14.25 14.78 14.39
CA ASP A 62 13.75 16.02 14.98
C ASP A 62 12.71 15.74 16.09
N TYR A 63 12.18 14.52 16.10
CA TYR A 63 11.25 14.11 17.14
C TYR A 63 12.01 13.50 18.32
N ASP A 64 13.30 13.26 18.11
CA ASP A 64 14.15 12.72 19.17
C ASP A 64 15.37 13.61 19.40
N PRO A 65 15.17 14.80 19.99
CA PRO A 65 16.28 15.73 20.25
C PRO A 65 17.27 15.19 21.29
N GLN A 66 16.75 14.46 22.27
CA GLN A 66 17.58 13.89 23.33
C GLN A 66 18.35 12.66 22.85
N ASN A 67 18.05 12.22 21.63
CA ASN A 67 18.74 11.08 21.02
C ASN A 67 18.62 9.80 21.84
N ARG A 68 17.41 9.49 22.30
CA ARG A 68 17.18 8.29 23.10
C ARG A 68 16.77 7.10 22.24
N ILE A 69 16.01 7.35 21.17
CA ILE A 69 15.55 6.27 20.30
C ILE A 69 16.70 5.74 19.45
N THR A 70 16.81 4.42 19.36
CA THR A 70 17.88 3.77 18.60
C THR A 70 17.41 2.50 17.91
N PHE A 71 17.73 2.38 16.62
CA PHE A 71 17.38 1.19 15.85
C PHE A 71 18.10 -0.04 16.40
N GLU A 72 17.33 -1.08 16.69
CA GLU A 72 17.89 -2.30 17.27
C GLU A 72 18.00 -3.43 16.26
N GLY A 73 17.10 -3.43 15.27
CA GLY A 73 17.11 -4.46 14.26
C GLY A 73 15.70 -4.79 13.78
N ASN A 74 15.61 -5.68 12.80
CA ASN A 74 14.32 -6.05 12.24
C ASN A 74 13.81 -7.36 12.83
N THR A 75 12.49 -7.55 12.80
CA THR A 75 11.90 -8.79 13.29
C THR A 75 11.98 -9.87 12.22
N GLU A 76 11.56 -11.08 12.56
CA GLU A 76 11.54 -12.18 11.61
C GLU A 76 10.48 -11.91 10.54
N PRO A 77 10.84 -12.12 9.26
CA PRO A 77 9.91 -11.86 8.16
C PRO A 77 8.78 -12.89 8.09
N LEU A 78 7.57 -12.40 7.86
CA LEU A 78 6.39 -13.26 7.75
C LEU A 78 5.97 -13.38 6.30
N GLU A 79 6.06 -14.59 5.75
CA GLU A 79 5.68 -14.82 4.36
C GLU A 79 4.17 -14.88 4.23
N LYS A 80 3.62 -14.11 3.31
CA LYS A 80 2.18 -14.03 3.10
C LYS A 80 1.90 -13.61 1.66
N THR A 81 0.77 -14.04 1.13
CA THR A 81 0.36 -13.67 -0.21
C THR A 81 -0.97 -12.95 -0.20
N ARG A 82 -1.06 -11.83 -0.91
CA ARG A 82 -2.31 -11.11 -1.01
C ARG A 82 -2.88 -11.27 -2.41
N GLY A 83 -3.96 -12.03 -2.50
CA GLY A 83 -4.57 -12.32 -3.78
C GLY A 83 -3.91 -13.51 -4.43
N GLY A 84 -2.88 -14.03 -3.78
CA GLY A 84 -2.18 -15.22 -4.28
C GLY A 84 -1.30 -14.94 -5.49
N VAL A 85 -1.33 -13.70 -5.97
CA VAL A 85 -0.60 -13.34 -7.18
C VAL A 85 0.88 -13.11 -6.91
N PHE A 86 1.19 -12.56 -5.74
CA PHE A 86 2.57 -12.21 -5.39
C PHE A 86 2.88 -12.51 -3.94
N LEU A 87 4.12 -12.91 -3.67
CA LEU A 87 4.58 -13.26 -2.35
C LEU A 87 5.47 -12.19 -1.72
N ARG A 88 5.11 -11.73 -0.52
CA ARG A 88 5.86 -10.68 0.15
C ARG A 88 6.43 -11.18 1.48
N HIS A 89 7.27 -10.34 2.09
CA HIS A 89 7.84 -10.64 3.39
C HIS A 89 7.63 -9.48 4.36
N TYR A 90 6.70 -9.63 5.29
CA TYR A 90 6.39 -8.56 6.24
C TYR A 90 7.35 -8.59 7.43
N LYS A 91 8.08 -7.51 7.60
CA LYS A 91 9.01 -7.36 8.71
C LYS A 91 8.85 -5.98 9.36
N HIS A 92 9.24 -5.87 10.62
CA HIS A 92 9.08 -4.62 11.35
C HIS A 92 10.37 -4.22 12.05
N SER A 93 10.44 -2.95 12.45
CA SER A 93 11.64 -2.41 13.09
C SER A 93 11.51 -2.34 14.59
N VAL A 94 12.51 -2.85 15.30
CA VAL A 94 12.53 -2.78 16.76
C VAL A 94 13.42 -1.63 17.22
N TYR A 95 12.90 -0.82 18.15
CA TYR A 95 13.63 0.35 18.63
C TYR A 95 13.91 0.27 20.13
N GLU A 96 15.04 0.86 20.52
CA GLU A 96 15.45 0.90 21.92
C GLU A 96 15.26 2.30 22.49
N ILE A 97 14.43 2.41 23.52
CA ILE A 97 14.14 3.71 24.11
C ILE A 97 14.76 3.81 25.51
N LYS A 98 15.75 4.69 25.65
CA LYS A 98 16.41 4.90 26.93
C LYS A 98 15.45 5.45 27.98
N ASP A 99 15.47 4.84 29.16
CA ASP A 99 14.60 5.24 30.27
C ASP A 99 15.45 5.79 31.41
N GLY A 100 16.42 6.61 31.08
CA GLY A 100 17.32 7.17 32.07
C GLY A 100 18.34 6.15 32.53
N GLU A 101 18.45 6.00 33.84
CA GLU A 101 19.38 5.02 34.42
C GLU A 101 18.81 3.60 34.37
N ASN A 102 17.50 3.50 34.24
CA ASN A 102 16.82 2.21 34.16
C ASN A 102 17.14 1.48 32.85
N GLU A 103 16.86 0.18 32.81
CA GLU A 103 17.04 -0.61 31.60
C GLU A 103 16.19 -0.03 30.47
N PRO A 104 16.80 0.16 29.29
CA PRO A 104 16.09 0.73 28.15
C PRO A 104 14.92 -0.14 27.68
N TRP A 105 13.89 0.49 27.13
CA TRP A 105 12.73 -0.24 26.66
C TRP A 105 12.91 -0.75 25.23
N PHE A 106 12.07 -1.71 24.86
CA PHE A 106 12.08 -2.29 23.52
C PHE A 106 10.66 -2.31 23.00
N CYS A 107 10.46 -1.81 21.80
CA CYS A 107 9.13 -1.78 21.21
C CYS A 107 9.18 -1.75 19.70
N ILE A 108 8.02 -1.98 19.07
CA ILE A 108 7.91 -1.90 17.63
C ILE A 108 7.12 -0.67 17.24
N MET A 109 7.80 0.30 16.63
CA MET A 109 7.15 1.53 16.20
C MET A 109 7.07 1.58 14.69
N GLU A 110 5.98 2.15 14.19
CA GLU A 110 5.74 2.25 12.76
C GLU A 110 4.91 3.48 12.46
N TYR A 111 5.12 4.06 11.28
CA TYR A 111 4.33 5.21 10.86
C TYR A 111 3.12 4.73 10.07
N ALA A 112 2.07 5.54 10.08
CA ALA A 112 0.88 5.23 9.31
C ALA A 112 1.09 5.72 7.88
N THR A 113 1.68 4.85 7.06
CA THR A 113 2.02 5.19 5.67
C THR A 113 0.88 5.81 4.83
N PRO A 114 -0.39 5.44 5.09
CA PRO A 114 -1.42 6.17 4.33
C PRO A 114 -1.60 7.64 4.74
N LEU A 115 -0.91 8.08 5.79
CA LEU A 115 -1.01 9.47 6.23
C LEU A 115 -0.27 10.40 5.27
N LEU A 116 0.78 9.88 4.63
CA LEU A 116 1.53 10.64 3.64
C LEU A 116 0.63 11.08 2.49
N THR A 117 -0.28 10.21 2.10
CA THR A 117 -1.25 10.50 1.05
C THR A 117 -2.08 11.73 1.42
N LEU A 118 -2.32 11.92 2.70
CA LEU A 118 -3.06 13.07 3.19
C LEU A 118 -2.20 14.32 3.06
N TYR A 119 -0.94 14.22 3.45
CA TYR A 119 0.00 15.33 3.33
C TYR A 119 0.24 15.68 1.87
N ASP A 120 0.59 14.67 1.07
CA ASP A 120 0.82 14.85 -0.36
C ASP A 120 -0.32 15.59 -1.05
N MET A 121 -1.55 15.25 -0.67
CA MET A 121 -2.74 15.92 -1.20
C MET A 121 -2.74 17.41 -0.88
N SER A 122 -2.57 17.73 0.40
CA SER A 122 -2.60 19.11 0.87
C SER A 122 -1.57 20.02 0.20
N VAL A 123 -0.54 19.43 -0.41
CA VAL A 123 0.53 20.20 -1.03
C VAL A 123 0.41 20.19 -2.56
N ALA A 124 -0.10 19.10 -3.10
CA ALA A 124 -0.21 18.95 -4.55
C ALA A 124 -1.58 19.39 -5.05
N GLN A 125 -2.61 19.19 -4.23
CA GLN A 125 -3.97 19.61 -4.59
C GLN A 125 -4.66 20.34 -3.45
N PRO A 126 -4.20 21.56 -3.13
CA PRO A 126 -4.78 22.37 -2.06
C PRO A 126 -6.27 22.64 -2.26
N GLY A 127 -6.71 22.69 -3.52
CA GLY A 127 -8.11 22.92 -3.85
C GLY A 127 -9.01 21.73 -3.53
N GLU A 128 -8.41 20.64 -3.07
CA GLU A 128 -9.14 19.43 -2.72
C GLU A 128 -9.04 19.18 -1.23
N LEU A 129 -7.92 19.58 -0.64
CA LEU A 129 -7.67 19.43 0.78
C LEU A 129 -6.86 20.61 1.30
N SER A 130 -7.47 21.42 2.16
CA SER A 130 -6.73 22.52 2.76
C SER A 130 -6.07 22.02 4.03
N ARG A 131 -5.15 22.81 4.57
CA ARG A 131 -4.43 22.45 5.79
C ARG A 131 -5.38 22.17 6.94
N GLU A 132 -6.57 22.77 6.90
CA GLU A 132 -7.57 22.59 7.93
C GLU A 132 -8.32 21.26 7.78
N GLU A 133 -8.74 20.97 6.56
CA GLU A 133 -9.41 19.70 6.25
C GLU A 133 -8.50 18.52 6.54
N ARG A 134 -7.23 18.66 6.19
CA ARG A 134 -6.23 17.63 6.48
C ARG A 134 -6.23 17.27 7.96
N ASP A 135 -6.17 18.30 8.80
CA ASP A 135 -6.22 18.12 10.25
C ASP A 135 -7.50 17.42 10.70
N ALA A 136 -8.57 17.63 9.94
CA ALA A 136 -9.85 17.00 10.25
C ALA A 136 -9.86 15.55 9.80
N GLN A 137 -9.30 15.30 8.61
CA GLN A 137 -9.21 13.95 8.08
C GLN A 137 -8.36 13.04 8.96
N VAL A 138 -7.37 13.62 9.63
CA VAL A 138 -6.55 12.88 10.57
C VAL A 138 -7.42 12.27 11.66
N VAL A 139 -8.24 13.11 12.28
CA VAL A 139 -9.19 12.66 13.30
C VAL A 139 -10.12 11.60 12.73
N VAL A 140 -10.61 11.83 11.52
CA VAL A 140 -11.49 10.87 10.84
C VAL A 140 -10.79 9.53 10.62
N PHE A 141 -9.61 9.57 10.00
CA PHE A 141 -8.81 8.38 9.78
C PHE A 141 -8.56 7.64 11.08
N LEU A 142 -8.17 8.40 12.10
CA LEU A 142 -7.85 7.85 13.41
C LEU A 142 -9.04 7.14 14.05
N ARG A 143 -10.13 7.87 14.21
CA ARG A 143 -11.32 7.36 14.86
C ARG A 143 -11.88 6.16 14.11
N LYS A 144 -11.93 6.26 12.79
CA LYS A 144 -12.39 5.15 11.94
C LYS A 144 -11.47 3.93 12.04
N LEU A 145 -10.16 4.16 12.09
CA LEU A 145 -9.20 3.07 12.18
C LEU A 145 -9.39 2.28 13.46
N GLN A 146 -9.55 2.99 14.58
CA GLN A 146 -9.82 2.37 15.87
C GLN A 146 -11.01 1.42 15.79
N ASP A 147 -12.13 1.92 15.27
CA ASP A 147 -13.34 1.13 15.11
C ASP A 147 -13.12 -0.17 14.33
N ILE A 148 -12.49 -0.05 13.17
CA ILE A 148 -12.19 -1.21 12.34
C ILE A 148 -11.36 -2.25 13.11
N LEU A 149 -10.29 -1.79 13.74
CA LEU A 149 -9.42 -2.67 14.51
C LEU A 149 -10.15 -3.27 15.72
N GLU A 150 -10.74 -2.42 16.54
CA GLU A 150 -11.49 -2.84 17.72
C GLU A 150 -12.60 -3.82 17.38
N GLY A 151 -13.00 -3.84 16.11
CA GLY A 151 -14.03 -4.74 15.64
C GLY A 151 -13.47 -6.09 15.24
N ASP A 152 -12.16 -6.25 15.39
CA ASP A 152 -11.50 -7.51 15.11
C ASP A 152 -10.86 -8.06 16.38
N ARG A 153 -11.34 -9.22 16.81
CA ARG A 153 -10.87 -9.84 18.04
C ARG A 153 -9.40 -10.25 17.94
N ALA A 154 -9.00 -10.72 16.76
CA ALA A 154 -7.64 -11.19 16.55
C ALA A 154 -6.60 -10.06 16.64
N CYS A 155 -7.05 -8.83 16.50
CA CYS A 155 -6.15 -7.68 16.50
C CYS A 155 -6.17 -6.91 17.80
N GLN A 156 -7.19 -7.18 18.63
CA GLN A 156 -7.36 -6.47 19.89
C GLN A 156 -6.21 -6.73 20.85
N GLY A 157 -5.67 -5.66 21.43
CA GLY A 157 -4.58 -5.77 22.39
C GLY A 157 -3.22 -6.00 21.75
N LYS A 158 -3.16 -5.92 20.43
CA LYS A 158 -1.92 -6.14 19.70
C LYS A 158 -1.43 -4.87 19.01
N TYR A 159 -2.05 -3.75 19.33
CA TYR A 159 -1.71 -2.48 18.70
C TYR A 159 -1.88 -1.31 19.66
N GLU A 160 -1.44 -0.14 19.22
CA GLU A 160 -1.59 1.08 20.00
C GLU A 160 -1.43 2.30 19.11
N LEU A 161 -2.35 3.25 19.24
CA LEU A 161 -2.30 4.47 18.44
C LEU A 161 -1.63 5.59 19.20
N VAL A 162 -0.49 6.07 18.68
CA VAL A 162 0.29 7.11 19.33
C VAL A 162 0.15 8.43 18.60
N THR A 163 -0.62 9.34 19.17
CA THR A 163 -0.85 10.64 18.57
C THR A 163 0.02 11.71 19.22
N PHE A 164 0.70 12.49 18.39
CA PHE A 164 1.55 13.55 18.92
C PHE A 164 1.66 14.73 17.96
N SER A 165 2.19 15.84 18.48
CA SER A 165 2.42 17.03 17.69
C SER A 165 3.90 17.07 17.30
N PRO A 166 4.23 17.72 16.17
CA PRO A 166 5.61 17.82 15.71
C PRO A 166 6.56 18.51 16.71
N ASP A 167 6.00 19.05 17.79
CA ASP A 167 6.80 19.70 18.81
C ASP A 167 7.12 18.78 20.00
N ARG A 168 6.20 17.87 20.31
CA ARG A 168 6.42 16.94 21.41
C ARG A 168 7.58 15.99 21.17
N ASP A 169 8.18 15.52 22.26
CA ASP A 169 9.29 14.57 22.20
C ASP A 169 8.75 13.14 22.13
N LEU A 170 8.85 12.54 20.95
CA LEU A 170 8.37 11.18 20.72
C LEU A 170 8.87 10.19 21.77
N ALA A 171 10.08 10.43 22.29
CA ALA A 171 10.64 9.59 23.33
C ALA A 171 9.87 9.78 24.64
N ASP A 172 9.54 11.04 24.93
CA ASP A 172 8.78 11.37 26.13
C ASP A 172 7.33 10.88 26.00
N VAL A 173 6.87 10.73 24.76
CA VAL A 173 5.51 10.28 24.50
C VAL A 173 5.42 8.76 24.56
N MET A 174 6.42 8.09 23.97
CA MET A 174 6.48 6.64 23.96
C MET A 174 6.49 6.04 25.36
N LEU A 175 7.40 6.53 26.20
CA LEU A 175 7.52 6.04 27.57
C LEU A 175 6.21 6.19 28.34
N ARG A 176 5.60 7.36 28.26
CA ARG A 176 4.31 7.62 28.89
C ARG A 176 3.27 6.55 28.52
N LYS A 177 3.40 6.00 27.32
CA LYS A 177 2.53 4.92 26.86
C LYS A 177 3.06 3.57 27.31
N LEU A 178 4.35 3.34 27.06
CA LEU A 178 5.03 2.09 27.42
C LEU A 178 4.81 1.67 28.88
N LYS A 179 5.01 2.60 29.80
CA LYS A 179 4.81 2.32 31.23
C LYS A 179 3.34 2.03 31.54
N ASP A 180 2.44 2.79 30.94
CA ASP A 180 1.01 2.62 31.17
C ASP A 180 0.46 1.33 30.57
N SER A 181 1.22 0.74 29.65
CA SER A 181 0.81 -0.51 29.01
C SER A 181 0.78 -1.67 30.00
N GLU A 182 -0.21 -2.55 29.85
CA GLU A 182 -0.35 -3.69 30.74
C GLU A 182 0.43 -4.90 30.23
N SER B 2 -19.77 8.80 2.09
CA SER B 2 -19.52 7.45 2.58
C SER B 2 -18.79 6.61 1.55
N ASN B 3 -18.11 7.26 0.61
CA ASN B 3 -17.43 6.52 -0.46
C ASN B 3 -15.98 6.18 -0.16
N VAL B 4 -15.75 4.90 0.10
CA VAL B 4 -14.43 4.35 0.38
C VAL B 4 -13.50 4.43 -0.83
N ALA B 5 -14.09 4.35 -2.02
CA ALA B 5 -13.32 4.32 -3.27
C ALA B 5 -12.57 5.62 -3.53
N ASP B 6 -13.11 6.74 -3.05
CA ASP B 6 -12.47 8.03 -3.25
C ASP B 6 -11.08 8.05 -2.62
N GLY B 7 -11.00 7.62 -1.37
CA GLY B 7 -9.73 7.56 -0.67
C GLY B 7 -8.82 6.45 -1.17
N LEU B 8 -9.42 5.47 -1.84
CA LEU B 8 -8.66 4.34 -2.36
C LEU B 8 -7.90 4.74 -3.63
N ALA B 9 -8.45 5.69 -4.36
CA ALA B 9 -7.85 6.15 -5.61
C ALA B 9 -6.69 7.10 -5.33
N TRP B 10 -6.87 8.01 -4.39
CA TRP B 10 -5.83 8.97 -4.02
C TRP B 10 -4.57 8.27 -3.53
N SER B 11 -4.76 7.25 -2.69
CA SER B 11 -3.64 6.49 -2.15
C SER B 11 -2.88 5.78 -3.27
N TYR B 12 -3.63 5.18 -4.20
CA TYR B 12 -3.06 4.49 -5.35
C TYR B 12 -2.13 5.41 -6.14
N TYR B 13 -2.53 6.67 -6.29
CA TYR B 13 -1.75 7.63 -7.06
C TYR B 13 -0.51 8.09 -6.30
N PHE B 14 -0.72 8.73 -5.15
CA PHE B 14 0.39 9.28 -4.37
C PHE B 14 1.29 8.22 -3.77
N GLY B 15 0.73 7.05 -3.48
CA GLY B 15 1.49 5.99 -2.86
C GLY B 15 2.13 5.02 -3.85
N TYR B 16 1.92 5.24 -5.14
CA TYR B 16 2.43 4.33 -6.15
C TYR B 16 2.60 4.97 -7.52
N LEU B 17 1.49 5.07 -8.25
CA LEU B 17 1.50 5.49 -9.65
C LEU B 17 2.25 6.80 -9.92
N LYS B 18 2.20 7.74 -8.99
CA LYS B 18 2.91 9.01 -9.16
C LYS B 18 4.41 8.79 -9.35
N PHE B 19 4.97 7.84 -8.61
CA PHE B 19 6.37 7.50 -8.73
C PHE B 19 6.69 6.69 -9.99
N VAL B 20 5.90 5.66 -10.26
CA VAL B 20 6.24 4.67 -11.28
C VAL B 20 5.78 4.97 -12.71
N LEU B 21 4.77 5.82 -12.86
CA LEU B 21 4.23 6.08 -14.20
C LEU B 21 5.06 7.03 -15.09
N PRO B 22 5.65 8.10 -14.51
CA PRO B 22 6.38 8.97 -15.44
C PRO B 22 7.79 8.48 -15.74
N GLU B 23 8.19 7.37 -15.13
CA GLU B 23 9.51 6.82 -15.34
C GLU B 23 9.46 5.43 -15.97
N LEU B 24 8.26 4.93 -16.20
CA LEU B 24 8.06 3.57 -16.69
C LEU B 24 8.75 3.31 -18.02
N GLU B 25 8.52 4.18 -18.99
CA GLU B 25 9.11 4.04 -20.31
C GLU B 25 10.64 4.02 -20.24
N LYS B 26 11.20 4.97 -19.50
CA LYS B 26 12.65 5.04 -19.32
C LYS B 26 13.20 3.77 -18.65
N GLN B 27 12.39 3.16 -17.80
CA GLN B 27 12.81 1.96 -17.07
C GLN B 27 12.78 0.71 -17.94
N ILE B 28 11.79 0.64 -18.83
CA ILE B 28 11.65 -0.51 -19.73
C ILE B 28 12.82 -0.60 -20.71
N GLU B 29 13.21 0.54 -21.28
CA GLU B 29 14.27 0.59 -22.27
C GLU B 29 15.67 0.31 -21.72
N LYS B 30 15.79 0.19 -20.40
CA LYS B 30 17.08 -0.10 -19.78
C LYS B 30 17.61 -1.49 -20.12
N THR B 31 16.70 -2.38 -20.52
CA THR B 31 17.09 -3.73 -20.93
C THR B 31 17.01 -3.87 -22.44
N SER B 32 18.10 -4.34 -23.03
CA SER B 32 18.22 -4.51 -24.48
C SER B 32 17.07 -5.30 -25.10
N LYS B 33 16.69 -6.40 -24.45
CA LYS B 33 15.62 -7.27 -24.94
C LYS B 33 14.32 -6.50 -25.15
N PHE B 34 14.05 -5.54 -24.27
CA PHE B 34 12.84 -4.73 -24.37
C PHE B 34 13.05 -3.56 -25.33
N ARG B 35 14.30 -3.09 -25.42
CA ARG B 35 14.65 -2.00 -26.31
C ARG B 35 14.54 -2.43 -27.77
N SER B 36 14.88 -3.70 -28.03
CA SER B 36 14.84 -4.25 -29.38
C SER B 36 13.42 -4.65 -29.77
N LYS B 37 12.67 -5.20 -28.81
CA LYS B 37 11.30 -5.68 -29.03
C LYS B 37 10.38 -4.69 -29.74
N GLU B 38 9.69 -5.20 -30.76
CA GLU B 38 8.68 -4.42 -31.45
C GLU B 38 7.32 -4.89 -30.98
N LYS B 39 6.27 -4.18 -31.37
CA LYS B 39 4.92 -4.47 -30.92
C LYS B 39 4.84 -4.42 -29.39
N PHE B 40 5.57 -3.49 -28.81
CA PHE B 40 5.64 -3.34 -27.36
C PHE B 40 5.07 -1.98 -26.95
N VAL B 41 3.93 -2.00 -26.27
CA VAL B 41 3.32 -0.78 -25.77
C VAL B 41 3.92 -0.42 -24.42
N LYS B 42 4.43 0.80 -24.30
CA LYS B 42 5.14 1.24 -23.10
C LYS B 42 4.19 1.80 -22.04
N LYS B 43 2.90 1.54 -22.19
CA LYS B 43 1.91 2.01 -21.23
C LYS B 43 1.58 0.92 -20.23
N MET B 44 1.33 1.33 -18.98
CA MET B 44 0.92 0.39 -17.96
C MET B 44 -0.57 0.09 -18.08
N PHE B 45 -0.90 -1.18 -18.27
CA PHE B 45 -2.29 -1.58 -18.35
C PHE B 45 -2.80 -2.05 -17.00
N ILE B 46 -3.64 -1.22 -16.38
CA ILE B 46 -4.17 -1.53 -15.06
C ILE B 46 -5.45 -2.34 -15.19
N LEU B 47 -5.38 -3.61 -14.80
CA LEU B 47 -6.53 -4.51 -14.90
C LEU B 47 -7.52 -4.22 -13.78
N ILE B 48 -8.77 -4.00 -14.16
CA ILE B 48 -9.82 -3.70 -13.19
C ILE B 48 -11.02 -4.61 -13.40
N PRO B 49 -10.95 -5.84 -12.86
CA PRO B 49 -12.07 -6.78 -12.89
C PRO B 49 -13.26 -6.26 -12.10
N SER B 50 -14.47 -6.45 -12.64
CA SER B 50 -15.68 -5.93 -12.02
C SER B 50 -15.97 -6.54 -10.65
N ASN B 51 -15.49 -7.76 -10.42
CA ASN B 51 -15.73 -8.45 -9.15
C ASN B 51 -14.61 -8.23 -8.15
N CYS B 52 -13.66 -7.35 -8.50
CA CYS B 52 -12.53 -7.01 -7.64
C CYS B 52 -11.76 -8.22 -7.12
N PHE B 53 -11.63 -9.26 -7.94
CA PHE B 53 -11.01 -10.48 -7.45
C PHE B 53 -10.05 -11.12 -8.45
N TRP B 54 -8.99 -11.71 -7.91
CA TRP B 54 -8.03 -12.49 -8.69
C TRP B 54 -7.22 -13.34 -7.71
N ASP B 55 -6.99 -14.60 -8.05
CA ASP B 55 -6.41 -15.54 -7.08
C ASP B 55 -5.16 -16.26 -7.59
N ASP B 56 -4.77 -15.97 -8.83
CA ASP B 56 -3.62 -16.66 -9.41
C ASP B 56 -2.95 -15.86 -10.52
N LYS B 57 -1.78 -16.33 -10.94
CA LYS B 57 -1.03 -15.70 -12.02
C LYS B 57 -1.86 -15.65 -13.29
N ILE B 58 -1.63 -14.62 -14.10
CA ILE B 58 -2.39 -14.40 -15.33
C ILE B 58 -2.13 -15.46 -16.42
N PRO B 59 -0.89 -15.96 -16.57
CA PRO B 59 -0.75 -17.05 -17.54
C PRO B 59 -1.52 -18.31 -17.14
N GLY B 60 -2.27 -18.87 -18.07
CA GLY B 60 -3.10 -20.03 -17.81
C GLY B 60 -4.16 -19.81 -16.75
N SER B 61 -4.51 -18.54 -16.54
CA SER B 61 -5.54 -18.18 -15.56
C SER B 61 -6.94 -18.44 -16.09
N ASP B 62 -7.92 -18.32 -15.21
CA ASP B 62 -9.32 -18.44 -15.59
C ASP B 62 -9.72 -17.32 -16.57
N TYR B 63 -8.89 -16.28 -16.62
CA TYR B 63 -9.10 -15.18 -17.56
C TYR B 63 -8.36 -15.46 -18.86
N ASP B 64 -7.50 -16.47 -18.84
CA ASP B 64 -6.74 -16.88 -20.01
C ASP B 64 -6.96 -18.37 -20.32
N PRO B 65 -8.16 -18.73 -20.78
CA PRO B 65 -8.46 -20.15 -21.07
C PRO B 65 -7.67 -20.69 -22.26
N GLN B 66 -7.46 -19.85 -23.26
CA GLN B 66 -6.71 -20.24 -24.46
C GLN B 66 -5.20 -20.26 -24.24
N ASN B 67 -4.77 -19.84 -23.05
CA ASN B 67 -3.35 -19.83 -22.69
C ASN B 67 -2.50 -18.98 -23.63
N ARG B 68 -2.95 -17.75 -23.85
CA ARG B 68 -2.28 -16.82 -24.75
C ARG B 68 -1.29 -15.93 -23.99
N ILE B 69 -1.68 -15.53 -22.77
CA ILE B 69 -0.83 -14.70 -21.93
C ILE B 69 0.29 -15.51 -21.31
N THR B 70 1.51 -14.98 -21.32
CA THR B 70 2.67 -15.67 -20.77
C THR B 70 3.64 -14.69 -20.11
N PHE B 71 4.07 -15.01 -18.88
CA PHE B 71 5.05 -14.19 -18.18
C PHE B 71 6.39 -14.20 -18.90
N GLU B 72 6.90 -13.02 -19.20
CA GLU B 72 8.16 -12.91 -19.93
C GLU B 72 9.31 -12.51 -19.02
N GLY B 73 9.00 -11.76 -17.96
CA GLY B 73 10.02 -11.31 -17.02
C GLY B 73 9.71 -9.95 -16.43
N ASN B 74 10.55 -9.51 -15.52
CA ASN B 74 10.35 -8.23 -14.84
C ASN B 74 11.19 -7.12 -15.45
N THR B 75 10.74 -5.88 -15.25
CA THR B 75 11.47 -4.71 -15.73
C THR B 75 12.59 -4.35 -14.77
N GLU B 76 13.36 -3.33 -15.14
CA GLU B 76 14.44 -2.85 -14.27
C GLU B 76 13.85 -2.18 -13.04
N PRO B 77 14.42 -2.48 -11.86
CA PRO B 77 13.90 -1.93 -10.60
C PRO B 77 14.18 -0.44 -10.47
N LEU B 78 13.18 0.30 -10.00
CA LEU B 78 13.32 1.74 -9.82
C LEU B 78 13.48 2.08 -8.36
N GLU B 79 14.64 2.63 -7.99
CA GLU B 79 14.92 2.97 -6.60
C GLU B 79 14.26 4.28 -6.20
N LYS B 80 13.52 4.23 -5.09
CA LYS B 80 12.78 5.38 -4.58
C LYS B 80 12.54 5.28 -3.08
N THR B 81 12.42 6.43 -2.43
CA THR B 81 12.11 6.47 -1.01
C THR B 81 10.82 7.24 -0.77
N ARG B 82 9.92 6.66 0.02
CA ARG B 82 8.68 7.33 0.37
C ARG B 82 8.70 7.75 1.83
N GLY B 83 8.82 9.05 2.07
CA GLY B 83 8.88 9.56 3.43
C GLY B 83 10.29 9.50 3.98
N GLY B 84 11.21 8.98 3.19
CA GLY B 84 12.61 8.89 3.59
C GLY B 84 12.84 7.81 4.63
N VAL B 85 11.75 7.18 5.06
CA VAL B 85 11.81 6.15 6.10
C VAL B 85 12.24 4.82 5.52
N PHE B 86 11.86 4.55 4.26
CA PHE B 86 12.11 3.26 3.63
C PHE B 86 12.54 3.39 2.17
N LEU B 87 13.44 2.51 1.75
CA LEU B 87 13.91 2.46 0.37
C LEU B 87 13.33 1.24 -0.33
N ARG B 88 12.65 1.47 -1.45
CA ARG B 88 12.03 0.38 -2.17
C ARG B 88 12.55 0.23 -3.60
N HIS B 89 12.17 -0.85 -4.24
CA HIS B 89 12.53 -1.12 -5.63
C HIS B 89 11.27 -1.45 -6.43
N TYR B 90 10.80 -0.49 -7.21
CA TYR B 90 9.58 -0.68 -7.99
C TYR B 90 9.86 -1.42 -9.28
N LYS B 91 9.23 -2.59 -9.45
CA LYS B 91 9.38 -3.39 -10.64
C LYS B 91 8.02 -3.84 -11.15
N HIS B 92 7.94 -4.14 -12.44
CA HIS B 92 6.67 -4.55 -13.03
C HIS B 92 6.84 -5.80 -13.87
N SER B 93 5.73 -6.46 -14.17
CA SER B 93 5.76 -7.72 -14.91
C SER B 93 5.42 -7.52 -16.39
N VAL B 94 6.25 -8.08 -17.25
CA VAL B 94 6.01 -8.02 -18.70
C VAL B 94 5.36 -9.32 -19.16
N TYR B 95 4.29 -9.19 -19.93
CA TYR B 95 3.56 -10.37 -20.38
C TYR B 95 3.55 -10.49 -21.91
N GLU B 96 3.55 -11.73 -22.39
CA GLU B 96 3.51 -11.98 -23.82
C GLU B 96 2.13 -12.49 -24.22
N ILE B 97 1.47 -11.74 -25.10
CA ILE B 97 0.13 -12.09 -25.55
C ILE B 97 0.13 -12.54 -27.00
N LYS B 98 -0.20 -13.80 -27.23
CA LYS B 98 -0.25 -14.37 -28.57
C LYS B 98 -1.28 -13.66 -29.44
N ASP B 99 -0.87 -13.28 -30.64
CA ASP B 99 -1.77 -12.59 -31.57
C ASP B 99 -2.00 -13.47 -32.80
N GLY B 100 -2.22 -14.75 -32.56
CA GLY B 100 -2.41 -15.70 -33.64
C GLY B 100 -1.10 -16.07 -34.30
N GLU B 101 -1.08 -15.98 -35.64
CA GLU B 101 0.13 -16.28 -36.40
C GLU B 101 1.11 -15.11 -36.39
N ASN B 102 0.58 -13.92 -36.10
CA ASN B 102 1.41 -12.72 -36.04
C ASN B 102 2.36 -12.74 -34.85
N GLU B 103 3.37 -11.87 -34.89
CA GLU B 103 4.31 -11.73 -33.79
C GLU B 103 3.57 -11.35 -32.52
N PRO B 104 3.84 -12.06 -31.41
CA PRO B 104 3.15 -11.83 -30.15
C PRO B 104 3.39 -10.43 -29.59
N TRP B 105 2.42 -9.91 -28.86
CA TRP B 105 2.53 -8.57 -28.28
C TRP B 105 3.25 -8.61 -26.95
N PHE B 106 3.73 -7.45 -26.52
CA PHE B 106 4.41 -7.29 -25.24
C PHE B 106 3.80 -6.09 -24.53
N CYS B 107 3.45 -6.27 -23.26
CA CYS B 107 2.83 -5.17 -22.52
C CYS B 107 3.05 -5.30 -21.02
N ILE B 108 2.74 -4.23 -20.30
CA ILE B 108 2.84 -4.22 -18.84
C ILE B 108 1.44 -4.24 -18.23
N MET B 109 1.10 -5.37 -17.62
CA MET B 109 -0.21 -5.49 -16.98
C MET B 109 -0.09 -5.57 -15.47
N GLU B 110 -1.06 -4.98 -14.79
CA GLU B 110 -1.10 -4.94 -13.34
C GLU B 110 -2.53 -4.88 -12.84
N TYR B 111 -2.75 -5.45 -11.67
CA TYR B 111 -4.07 -5.39 -11.04
C TYR B 111 -4.14 -4.17 -10.13
N ALA B 112 -5.35 -3.67 -9.92
CA ALA B 112 -5.55 -2.56 -9.01
C ALA B 112 -5.65 -3.10 -7.58
N THR B 113 -4.50 -3.24 -6.94
CA THR B 113 -4.41 -3.81 -5.59
C THR B 113 -5.37 -3.21 -4.54
N PRO B 114 -5.73 -1.92 -4.64
CA PRO B 114 -6.73 -1.46 -3.67
C PRO B 114 -8.14 -2.03 -3.92
N LEU B 115 -8.34 -2.74 -5.02
CA LEU B 115 -9.64 -3.34 -5.33
C LEU B 115 -9.92 -4.52 -4.41
N LEU B 116 -8.86 -5.20 -3.98
CA LEU B 116 -9.00 -6.30 -3.03
C LEU B 116 -9.66 -5.81 -1.75
N THR B 117 -9.27 -4.60 -1.33
CA THR B 117 -9.86 -3.98 -0.15
C THR B 117 -11.37 -3.82 -0.31
N LEU B 118 -11.79 -3.59 -1.56
CA LEU B 118 -13.22 -3.47 -1.85
C LEU B 118 -13.87 -4.84 -1.75
N TYR B 119 -13.23 -5.85 -2.32
CA TYR B 119 -13.72 -7.22 -2.25
C TYR B 119 -13.72 -7.74 -0.81
N ASP B 120 -12.58 -7.63 -0.14
CA ASP B 120 -12.42 -8.04 1.25
C ASP B 120 -13.52 -7.48 2.15
N MET B 121 -13.88 -6.22 1.94
CA MET B 121 -14.95 -5.57 2.69
C MET B 121 -16.28 -6.28 2.48
N SER B 122 -16.65 -6.46 1.21
CA SER B 122 -17.92 -7.08 0.85
C SER B 122 -18.10 -8.50 1.41
N VAL B 123 -16.99 -9.12 1.82
CA VAL B 123 -17.04 -10.49 2.31
C VAL B 123 -16.87 -10.55 3.83
N ALA B 124 -16.11 -9.60 4.38
CA ALA B 124 -15.84 -9.58 5.81
C ALA B 124 -16.83 -8.70 6.56
N GLN B 125 -17.28 -7.62 5.91
CA GLN B 125 -18.25 -6.71 6.52
C GLN B 125 -19.38 -6.38 5.54
N PRO B 126 -20.26 -7.36 5.26
CA PRO B 126 -21.40 -7.16 4.37
C PRO B 126 -22.31 -6.03 4.80
N GLY B 127 -22.38 -5.77 6.11
CA GLY B 127 -23.18 -4.69 6.63
C GLY B 127 -22.61 -3.32 6.32
N GLU B 128 -21.44 -3.29 5.70
CA GLU B 128 -20.80 -2.05 5.33
C GLU B 128 -20.72 -1.91 3.81
N LEU B 129 -20.59 -3.05 3.13
CA LEU B 129 -20.52 -3.07 1.67
C LEU B 129 -21.17 -4.33 1.09
N SER B 130 -22.29 -4.15 0.39
CA SER B 130 -22.93 -5.28 -0.27
C SER B 130 -22.42 -5.44 -1.70
N ARG B 131 -22.75 -6.57 -2.33
CA ARG B 131 -22.34 -6.85 -3.69
C ARG B 131 -22.78 -5.76 -4.66
N GLU B 132 -23.86 -5.06 -4.30
CA GLU B 132 -24.40 -4.00 -5.12
C GLU B 132 -23.61 -2.70 -4.94
N GLU B 133 -23.37 -2.32 -3.68
CA GLU B 133 -22.57 -1.15 -3.36
C GLU B 133 -21.14 -1.29 -3.89
N ARG B 134 -20.59 -2.49 -3.74
CA ARG B 134 -19.25 -2.78 -4.25
C ARG B 134 -19.13 -2.49 -5.73
N ASP B 135 -20.09 -2.98 -6.51
CA ASP B 135 -20.14 -2.73 -7.95
C ASP B 135 -20.20 -1.23 -8.26
N ALA B 136 -20.80 -0.47 -7.36
CA ALA B 136 -20.91 0.97 -7.53
C ALA B 136 -19.59 1.65 -7.20
N GLN B 137 -18.95 1.20 -6.13
CA GLN B 137 -17.66 1.74 -5.71
C GLN B 137 -16.58 1.52 -6.76
N VAL B 138 -16.70 0.43 -7.52
CA VAL B 138 -15.79 0.16 -8.62
C VAL B 138 -15.84 1.30 -9.63
N VAL B 139 -17.06 1.63 -10.06
CA VAL B 139 -17.29 2.74 -10.97
C VAL B 139 -16.76 4.04 -10.39
N VAL B 140 -17.02 4.25 -9.11
CA VAL B 140 -16.53 5.44 -8.41
C VAL B 140 -15.01 5.48 -8.42
N PHE B 141 -14.39 4.38 -7.99
CA PHE B 141 -12.93 4.26 -8.01
C PHE B 141 -12.38 4.53 -9.41
N LEU B 142 -13.03 3.95 -10.41
CA LEU B 142 -12.59 4.09 -11.80
C LEU B 142 -12.57 5.54 -12.27
N ARG B 143 -13.73 6.19 -12.20
CA ARG B 143 -13.86 7.57 -12.64
C ARG B 143 -12.99 8.53 -11.84
N LYS B 144 -12.96 8.35 -10.52
CA LYS B 144 -12.17 9.21 -9.66
C LYS B 144 -10.68 9.06 -9.97
N LEU B 145 -10.25 7.82 -10.23
CA LEU B 145 -8.86 7.55 -10.58
C LEU B 145 -8.48 8.22 -11.90
N GLN B 146 -9.36 8.10 -12.88
CA GLN B 146 -9.19 8.73 -14.19
C GLN B 146 -8.93 10.22 -14.06
N ASP B 147 -9.82 10.90 -13.33
CA ASP B 147 -9.69 12.34 -13.07
C ASP B 147 -8.32 12.70 -12.48
N ILE B 148 -7.94 11.99 -11.43
CA ILE B 148 -6.65 12.21 -10.78
C ILE B 148 -5.47 12.07 -11.75
N LEU B 149 -5.44 10.97 -12.50
CA LEU B 149 -4.36 10.71 -13.46
C LEU B 149 -4.34 11.75 -14.59
N GLU B 150 -5.46 11.89 -15.28
CA GLU B 150 -5.59 12.87 -16.36
C GLU B 150 -5.30 14.31 -15.92
N GLY B 151 -5.33 14.56 -14.61
CA GLY B 151 -5.01 15.87 -14.08
C GLY B 151 -3.51 16.05 -13.88
N ASP B 152 -2.74 15.00 -14.21
CA ASP B 152 -1.30 15.04 -14.11
C ASP B 152 -0.66 14.85 -15.49
N ARG B 153 0.09 15.86 -15.92
CA ARG B 153 0.71 15.84 -17.24
C ARG B 153 1.78 14.76 -17.36
N ALA B 154 2.53 14.55 -16.28
CA ALA B 154 3.61 13.58 -16.27
C ALA B 154 3.11 12.14 -16.42
N CYS B 155 1.83 11.92 -16.12
CA CYS B 155 1.27 10.57 -16.15
C CYS B 155 0.39 10.32 -17.37
N GLN B 156 -0.01 11.39 -18.05
CA GLN B 156 -0.89 11.27 -19.21
C GLN B 156 -0.24 10.50 -20.35
N GLY B 157 -0.98 9.54 -20.90
CA GLY B 157 -0.48 8.74 -22.02
C GLY B 157 0.48 7.65 -21.62
N LYS B 158 0.63 7.43 -20.30
CA LYS B 158 1.54 6.42 -19.81
C LYS B 158 0.80 5.29 -19.11
N TYR B 159 -0.53 5.29 -19.24
CA TYR B 159 -1.36 4.29 -18.56
C TYR B 159 -2.59 3.94 -19.39
N GLU B 160 -3.33 2.94 -18.93
CA GLU B 160 -4.59 2.54 -19.55
C GLU B 160 -5.42 1.72 -18.59
N LEU B 161 -6.69 2.07 -18.45
CA LEU B 161 -7.59 1.37 -17.55
C LEU B 161 -8.40 0.32 -18.29
N VAL B 162 -8.19 -0.94 -17.93
CA VAL B 162 -8.87 -2.05 -18.59
C VAL B 162 -9.95 -2.66 -17.71
N THR B 163 -11.20 -2.34 -18.02
CA THR B 163 -12.33 -2.86 -17.25
C THR B 163 -12.96 -4.04 -17.99
N PHE B 164 -13.17 -5.14 -17.28
CA PHE B 164 -13.74 -6.34 -17.87
C PHE B 164 -14.54 -7.16 -16.86
N SER B 165 -15.32 -8.10 -17.37
CA SER B 165 -16.10 -8.99 -16.53
C SER B 165 -15.36 -10.32 -16.35
N PRO B 166 -15.60 -11.01 -15.22
CA PRO B 166 -14.95 -12.30 -14.94
C PRO B 166 -15.24 -13.39 -15.98
N ASP B 167 -16.14 -13.10 -16.92
CA ASP B 167 -16.48 -14.05 -17.97
C ASP B 167 -15.70 -13.77 -19.26
N ARG B 168 -15.39 -12.49 -19.48
CA ARG B 168 -14.67 -12.06 -20.67
C ARG B 168 -13.28 -12.68 -20.74
N ASP B 169 -12.76 -12.84 -21.95
CA ASP B 169 -11.42 -13.35 -22.16
C ASP B 169 -10.43 -12.20 -22.14
N LEU B 170 -9.68 -12.07 -21.05
CA LEU B 170 -8.71 -11.00 -20.87
C LEU B 170 -7.75 -10.87 -22.05
N ALA B 171 -7.44 -12.00 -22.69
CA ALA B 171 -6.58 -11.98 -23.86
C ALA B 171 -7.28 -11.31 -25.04
N ASP B 172 -8.57 -11.61 -25.20
CA ASP B 172 -9.36 -11.01 -26.27
C ASP B 172 -9.63 -9.53 -25.99
N VAL B 173 -9.56 -9.15 -24.73
CA VAL B 173 -9.79 -7.76 -24.33
C VAL B 173 -8.52 -6.93 -24.51
N MET B 174 -7.40 -7.52 -24.11
CA MET B 174 -6.10 -6.88 -24.22
C MET B 174 -5.77 -6.48 -25.67
N LEU B 175 -5.90 -7.43 -26.59
CA LEU B 175 -5.58 -7.19 -27.99
C LEU B 175 -6.40 -6.03 -28.57
N ARG B 176 -7.71 -6.06 -28.34
CA ARG B 176 -8.60 -4.98 -28.78
C ARG B 176 -8.13 -3.61 -28.30
N LYS B 177 -7.44 -3.58 -27.16
CA LYS B 177 -6.87 -2.34 -26.62
C LYS B 177 -5.51 -2.05 -27.25
N LEU B 178 -4.65 -3.08 -27.26
CA LEU B 178 -3.30 -2.98 -27.80
C LEU B 178 -3.24 -2.39 -29.22
N LYS B 179 -4.09 -2.90 -30.10
CA LYS B 179 -4.14 -2.41 -31.48
C LYS B 179 -4.60 -0.94 -31.54
N ASP B 180 -5.57 -0.59 -30.72
CA ASP B 180 -6.10 0.76 -30.69
C ASP B 180 -5.09 1.76 -30.11
N SER B 181 -4.10 1.24 -29.39
CA SER B 181 -3.07 2.08 -28.78
C SER B 181 -2.20 2.74 -29.85
P 2BA C . -2.65 -1.49 -0.64
O1P 2BA C . -4.07 -1.88 -0.33
O2P 2BA C . -1.92 -2.76 -0.78
O5' 2BA C . -1.88 -0.72 0.58
C5' 2BA C . -2.65 0.13 1.48
C4' 2BA C . -1.80 0.45 2.65
O4' 2BA C . -1.31 -0.95 3.39
C3' 2BA C . -0.68 1.06 2.27
O3' 2BA C . -0.88 2.52 2.21
C2' 2BA C . 0.34 0.69 3.35
O2' 2BA C . 0.24 1.52 4.39
C1' 2BA C . -0.09 -0.79 3.79
N9 2BA C . 0.76 -1.74 3.19
C8 2BA C . 0.46 -2.48 2.13
N7 2BA C . 1.49 -3.28 1.83
C5 2BA C . 2.50 -3.06 2.73
C6 2BA C . 3.80 -3.59 2.92
N6 2BA C . 4.31 -4.57 2.08
N1 2BA C . 4.53 -3.11 3.96
C2 2BA C . 4.07 -2.17 4.77
N3 2BA C . 2.85 -1.65 4.62
C4 2BA C . 2.02 -2.07 3.61
P1 2BA C . -0.17 3.33 0.98
O1P1 2BA C . 0.02 4.77 1.22
O2P1 2BA C . 1.27 2.75 0.89
O5'1 2BA C . -0.78 3.00 -0.41
C5'1 2BA C . -0.40 1.70 -0.94
C4'1 2BA C . -1.07 1.41 -2.26
O4'1 2BA C . -0.34 1.89 -3.21
C3'1 2BA C . -1.10 -0.22 -2.43
O3'1 2BA C . -2.47 -0.77 -2.09
C2'1 2BA C . -0.80 -0.47 -3.61
O2'1 2BA C . -2.04 -0.43 -4.48
C1'1 2BA C . 0.15 0.70 -4.02
N91 2BA C . 1.41 0.43 -3.75
C81 2BA C . 2.20 0.98 -2.81
N71 2BA C . 3.45 0.45 -2.80
C51 2BA C . 3.43 -0.48 -3.80
C61 2BA C . 4.44 -1.34 -4.24
N61 2BA C . 5.72 -1.34 -3.67
N11 2BA C . 4.10 -2.14 -5.26
C21 2BA C . 2.87 -2.13 -5.80
N31 2BA C . 1.89 -1.34 -5.39
C41 2BA C . 2.20 -0.51 -4.38
P 2BA D . 7.92 -6.85 1.09
O1P 2BA D . 8.37 -8.21 1.52
O2P 2BA D . 6.76 -6.55 1.96
O5' 2BA D . 7.32 -6.79 -0.43
C5' 2BA D . 8.20 -7.14 -1.53
C4' 2BA D . 7.57 -6.70 -2.80
O4' 2BA D . 5.93 -7.01 -2.80
C3' 2BA D . 7.64 -5.39 -2.93
O3' 2BA D . 8.95 -4.96 -3.43
C2' 2BA D . 6.54 -5.10 -3.95
O2' 2BA D . 6.95 -5.39 -5.18
C1' 2BA D . 5.36 -6.10 -3.50
N9 2BA D . 4.44 -5.37 -2.73
C8 2BA D . 4.64 -4.94 -1.48
N7 2BA D . 3.55 -4.28 -1.05
C5 2BA D . 2.61 -4.29 -2.04
C6 2BA D . 1.29 -3.77 -2.17
N6 2BA D . 0.69 -3.07 -1.13
N1 2BA D . 0.65 -3.98 -3.35
C2 2BA D . 1.20 -4.65 -4.34
N3 2BA D . 2.43 -5.14 -4.26
C4 2BA D . 3.18 -4.99 -3.11
P1 2BA D . 9.42 -3.43 -3.14
O1P1 2BA D . 10.66 -3.03 -3.80
O2P1 2BA D . 8.32 -2.53 -3.80
O5'1 2BA D . 9.38 -3.03 -1.64
C5'1 2BA D . 10.36 -3.62 -0.75
C4'1 2BA D . 9.93 -3.34 0.68
O4'1 2BA D . 9.54 -2.12 0.79
C3'1 2BA D . 8.62 -4.25 1.08
O3'1 2BA D . 8.99 -5.68 1.41
C2'1 2BA D . 8.14 -3.66 2.07
O2'1 2BA D . 8.87 -4.13 3.33
C1'1 2BA D . 8.44 -2.14 1.81
N91 2BA D . 7.35 -1.54 1.36
C81 2BA D . 6.81 -1.63 0.12
N71 2BA D . 5.68 -0.90 -0.01
C51 2BA D . 5.51 -0.31 1.21
C61 2BA D . 4.51 0.56 1.66
N61 2BA D . 3.47 0.99 0.84
N11 2BA D . 4.65 0.96 2.95
C21 2BA D . 5.66 0.55 3.73
N31 2BA D . 6.61 -0.28 3.33
C41 2BA D . 6.52 -0.70 2.06
#